data_6RGU
#
_entry.id   6RGU
#
_cell.length_a   80.828
_cell.length_b   80.828
_cell.length_c   113.243
_cell.angle_alpha   90.00
_cell.angle_beta   90.00
_cell.angle_gamma   120.00
#
_symmetry.space_group_name_H-M   'P 31 2 1'
#
loop_
_entity.id
_entity.type
_entity.pdbx_description
1 polymer 'Lectin PHL'
2 non-polymer 3-O-methyl-beta-D-glucopyranose
3 non-polymer 'CHLORIDE ION'
4 non-polymer 'SODIUM ION'
5 water water
#
_entity_poly.entity_id   1
_entity_poly.type   'polypeptide(L)'
_entity_poly.pdbx_seq_one_letter_code
;MQPINTSNPDNTASYVKDEVEITSSTIALSEIVSVVNTSDGRLEVFGVGTDKAVWHNRQMAPHTGSPWSGWSSLKGQVTS
KPVVYINTDGRLEVFARGTDNALWHIWQTATNAGWSNWQSLGGVITSNPAIYANTDGRLEVFARGADNALWHISQTTAHS
GPWSSWASLNGVITSNPTVHINSDGRLEVFARGTDNALWHIWQTAPDSNLWSSWESLNGIITSDPVVIDTADGRLEVFAR
GADNALWHIWQTISHSGPWSGWQSLNGVITSAPAVAKNCDNRLEAFARGTDNALWHTWQTVSHSGPWSSWQSLNGVITSA
PTAVRDADGRLEVFARGTDNALWLTWQTASSWSPWISLGGVLIDASAIK
;
_entity_poly.pdbx_strand_id   A
#
loop_
_chem_comp.id
_chem_comp.type
_chem_comp.name
_chem_comp.formula
3MG D-saccharide, beta linking 3-O-methyl-beta-D-glucopyranose 'C7 H14 O6'
CL non-polymer 'CHLORIDE ION' 'Cl -1'
NA non-polymer 'SODIUM ION' 'Na 1'
#
# COMPACT_ATOMS: atom_id res chain seq x y z
N SER A 25 -13.68 -1.15 14.76
CA SER A 25 -14.66 -0.90 13.67
C SER A 25 -14.32 0.39 12.91
N THR A 26 -13.25 1.09 13.29
CA THR A 26 -12.67 2.22 12.51
C THR A 26 -11.15 2.08 12.44
N ILE A 27 -10.53 2.86 11.57
CA ILE A 27 -9.06 2.91 11.38
C ILE A 27 -8.67 4.35 11.12
N ALA A 28 -7.39 4.67 11.38
CA ALA A 28 -6.79 5.97 11.05
C ALA A 28 -7.10 6.29 9.59
N LEU A 29 -7.24 7.58 9.29
CA LEU A 29 -7.54 8.11 7.94
C LEU A 29 -6.55 7.53 6.93
N SER A 30 -7.07 7.03 5.81
CA SER A 30 -6.30 6.23 4.82
C SER A 30 -5.45 7.12 3.92
N GLU A 31 -4.50 6.47 3.23
CA GLU A 31 -3.88 7.01 1.99
C GLU A 31 -5.00 7.24 0.96
N ILE A 32 -4.87 8.30 0.17
CA ILE A 32 -5.88 8.79 -0.84
C ILE A 32 -5.52 8.22 -2.22
N VAL A 33 -4.26 7.82 -2.42
CA VAL A 33 -3.80 7.34 -3.75
C VAL A 33 -2.97 6.06 -3.58
N SER A 34 -2.89 5.30 -4.67
CA SER A 34 -1.85 4.25 -4.83
CA SER A 34 -1.90 4.22 -4.90
C SER A 34 -0.83 4.76 -5.84
N VAL A 35 0.43 4.50 -5.57
CA VAL A 35 1.56 5.06 -6.37
C VAL A 35 2.48 3.91 -6.78
N VAL A 36 3.08 3.99 -7.96
CA VAL A 36 4.18 3.09 -8.39
C VAL A 36 5.29 3.91 -9.04
N ASN A 37 6.51 3.43 -8.87
CA ASN A 37 7.68 3.74 -9.73
C ASN A 37 7.66 2.69 -10.84
N THR A 38 7.38 3.12 -12.09
CA THR A 38 7.06 2.24 -13.25
C THR A 38 8.33 1.62 -13.84
N SER A 39 8.18 0.74 -14.83
CA SER A 39 9.31 0.01 -15.45
C SER A 39 10.23 1.00 -16.19
N ASP A 40 9.76 2.21 -16.51
CA ASP A 40 10.63 3.26 -17.12
C ASP A 40 10.89 4.41 -16.13
N GLY A 41 10.74 4.17 -14.81
CA GLY A 41 11.24 5.06 -13.75
C GLY A 41 10.40 6.31 -13.59
N ARG A 42 9.12 6.25 -13.94
CA ARG A 42 8.19 7.39 -13.72
C ARG A 42 7.28 7.05 -12.54
N LEU A 43 7.03 8.03 -11.69
CA LEU A 43 5.96 7.92 -10.67
C LEU A 43 4.61 8.05 -11.36
N GLU A 44 3.66 7.19 -10.98
CA GLU A 44 2.29 7.27 -11.50
C GLU A 44 1.34 7.04 -10.32
N VAL A 45 0.35 7.92 -10.16
CA VAL A 45 -0.56 7.94 -8.97
C VAL A 45 -1.98 7.64 -9.44
N PHE A 46 -2.72 6.88 -8.63
CA PHE A 46 -4.12 6.46 -8.92
C PHE A 46 -4.99 6.86 -7.73
N GLY A 47 -6.08 7.60 -8.01
CA GLY A 47 -7.06 8.02 -6.99
C GLY A 47 -8.48 7.95 -7.52
N VAL A 48 -9.45 8.36 -6.72
CA VAL A 48 -10.89 8.34 -7.06
C VAL A 48 -11.44 9.77 -7.04
N GLY A 49 -12.19 10.13 -8.07
CA GLY A 49 -12.84 11.44 -8.20
C GLY A 49 -14.20 11.45 -7.56
N THR A 50 -14.84 12.62 -7.52
CA THR A 50 -16.17 12.83 -6.88
C THR A 50 -17.20 11.98 -7.63
N ASP A 51 -16.97 11.68 -8.91
CA ASP A 51 -17.78 10.88 -9.87
CA ASP A 51 -17.99 10.87 -9.64
C ASP A 51 -17.59 9.38 -9.61
N LYS A 52 -16.64 9.02 -8.74
CA LYS A 52 -16.31 7.62 -8.36
C LYS A 52 -15.55 6.90 -9.48
N ALA A 53 -15.03 7.64 -10.46
CA ALA A 53 -14.15 7.07 -11.50
C ALA A 53 -12.72 7.04 -10.95
N VAL A 54 -11.89 6.19 -11.52
CA VAL A 54 -10.44 6.13 -11.18
C VAL A 54 -9.72 7.09 -12.11
N TRP A 55 -8.95 8.00 -11.54
CA TRP A 55 -8.10 8.98 -12.27
C TRP A 55 -6.65 8.64 -11.99
N HIS A 56 -5.78 8.97 -12.94
CA HIS A 56 -4.31 8.79 -12.75
C HIS A 56 -3.55 10.00 -13.29
N ASN A 57 -2.31 10.13 -12.81
CA ASN A 57 -1.38 11.26 -13.10
C ASN A 57 0.02 10.65 -13.14
N ARG A 58 0.83 11.03 -14.12
CA ARG A 58 2.17 10.41 -14.27
C ARG A 58 3.20 11.48 -14.59
N GLN A 59 4.41 11.26 -14.10
CA GLN A 59 5.57 12.09 -14.45
C GLN A 59 5.87 11.89 -15.94
N MET A 60 6.20 12.98 -16.64
CA MET A 60 6.67 12.90 -18.03
C MET A 60 8.06 12.27 -18.09
N ALA A 61 8.91 12.55 -17.10
CA ALA A 61 10.34 12.24 -17.14
C ALA A 61 10.74 11.53 -15.86
N PRO A 62 11.78 10.67 -15.93
CA PRO A 62 12.21 9.87 -14.77
C PRO A 62 13.10 10.65 -13.81
N HIS A 63 12.59 11.74 -13.22
CA HIS A 63 13.40 12.64 -12.36
C HIS A 63 12.52 13.33 -11.32
N THR A 64 13.10 13.56 -10.14
CA THR A 64 12.50 14.41 -9.09
C THR A 64 12.13 15.75 -9.74
N GLY A 65 10.90 16.22 -9.54
CA GLY A 65 10.43 17.52 -10.02
C GLY A 65 10.05 17.52 -11.49
N SER A 66 9.92 16.34 -12.11
CA SER A 66 9.42 16.20 -13.50
C SER A 66 8.05 16.87 -13.60
N PRO A 67 7.70 17.49 -14.76
CA PRO A 67 6.33 17.90 -15.00
C PRO A 67 5.44 16.66 -15.00
N TRP A 68 4.15 16.88 -14.73
CA TRP A 68 3.11 15.83 -14.63
C TRP A 68 2.15 15.90 -15.81
N SER A 69 1.56 14.76 -16.17
CA SER A 69 0.53 14.65 -17.23
C SER A 69 -0.66 15.54 -16.89
N GLY A 70 -0.97 15.66 -15.60
CA GLY A 70 -2.32 16.04 -15.13
C GLY A 70 -3.22 14.82 -15.05
N TRP A 71 -4.40 15.00 -14.46
CA TRP A 71 -5.37 13.91 -14.18
C TRP A 71 -6.13 13.52 -15.44
N SER A 72 -6.17 12.22 -15.72
CA SER A 72 -7.05 11.63 -16.77
C SER A 72 -7.80 10.45 -16.17
N SER A 73 -9.00 10.21 -16.68
CA SER A 73 -9.97 9.21 -16.15
C SER A 73 -9.76 7.84 -16.81
N LEU A 74 -9.64 6.81 -16.00
CA LEU A 74 -9.75 5.41 -16.48
C LEU A 74 -11.21 4.98 -16.36
N LYS A 75 -12.11 5.91 -16.01
CA LYS A 75 -13.57 5.65 -15.88
C LYS A 75 -13.77 4.59 -14.79
N GLY A 76 -14.76 3.71 -14.95
CA GLY A 76 -15.23 2.81 -13.88
C GLY A 76 -16.02 3.54 -12.81
N GLN A 77 -16.66 2.77 -11.93
CA GLN A 77 -17.32 3.25 -10.71
C GLN A 77 -16.82 2.37 -9.58
N VAL A 78 -16.03 2.91 -8.66
CA VAL A 78 -15.34 2.08 -7.63
C VAL A 78 -15.80 2.49 -6.24
N THR A 79 -15.70 1.52 -5.31
CA THR A 79 -16.11 1.63 -3.90
C THR A 79 -15.00 1.12 -2.99
N SER A 80 -13.74 1.19 -3.47
CA SER A 80 -12.51 0.94 -2.66
C SER A 80 -11.43 1.90 -3.16
N LYS A 81 -10.34 2.00 -2.40
CA LYS A 81 -9.09 2.58 -2.91
C LYS A 81 -8.75 1.80 -4.17
N PRO A 82 -8.36 2.46 -5.28
CA PRO A 82 -7.83 1.76 -6.43
C PRO A 82 -6.36 1.44 -6.15
N VAL A 83 -5.94 0.20 -6.43
CA VAL A 83 -4.60 -0.30 -6.05
C VAL A 83 -3.88 -0.76 -7.31
N VAL A 84 -2.84 -0.04 -7.69
CA VAL A 84 -2.02 -0.40 -8.88
C VAL A 84 -0.95 -1.39 -8.44
N TYR A 85 -0.65 -2.34 -9.31
CA TYR A 85 0.48 -3.27 -9.15
C TYR A 85 1.15 -3.43 -10.51
N ILE A 86 2.46 -3.63 -10.51
CA ILE A 86 3.24 -3.87 -11.76
C ILE A 86 3.38 -5.37 -11.98
N ASN A 87 2.82 -5.87 -13.10
CA ASN A 87 3.05 -7.25 -13.56
C ASN A 87 4.57 -7.46 -13.77
N THR A 88 5.05 -8.70 -13.78
CA THR A 88 6.49 -9.01 -13.96
C THR A 88 6.93 -8.71 -15.40
N ASP A 89 6.02 -8.40 -16.33
CA ASP A 89 6.37 -7.93 -17.71
C ASP A 89 6.30 -6.40 -17.77
N GLY A 90 6.11 -5.72 -16.63
CA GLY A 90 6.09 -4.25 -16.55
C GLY A 90 4.74 -3.61 -16.82
N ARG A 91 3.71 -4.38 -17.18
CA ARG A 91 2.36 -3.82 -17.43
C ARG A 91 1.69 -3.47 -16.10
N LEU A 92 1.24 -2.23 -15.94
CA LEU A 92 0.44 -1.79 -14.76
C LEU A 92 -0.93 -2.48 -14.81
N GLU A 93 -1.46 -2.80 -13.65
CA GLU A 93 -2.81 -3.35 -13.52
C GLU A 93 -3.41 -2.74 -12.26
N VAL A 94 -4.63 -2.25 -12.36
CA VAL A 94 -5.33 -1.54 -11.26
C VAL A 94 -6.48 -2.42 -10.79
N PHE A 95 -6.57 -2.63 -9.49
CA PHE A 95 -7.64 -3.44 -8.86
C PHE A 95 -8.49 -2.52 -7.99
N ALA A 96 -9.81 -2.71 -8.06
CA ALA A 96 -10.77 -1.92 -7.26
C ALA A 96 -12.06 -2.70 -7.08
N ARG A 97 -12.72 -2.48 -5.95
CA ARG A 97 -14.10 -2.94 -5.76
C ARG A 97 -15.04 -2.09 -6.62
N GLY A 98 -16.04 -2.73 -7.22
CA GLY A 98 -17.06 -2.07 -8.06
C GLY A 98 -18.31 -1.74 -7.23
N THR A 99 -19.30 -1.11 -7.83
CA THR A 99 -20.55 -0.72 -7.12
C THR A 99 -21.36 -1.98 -6.81
N ASP A 100 -21.04 -3.11 -7.47
CA ASP A 100 -21.66 -4.44 -7.25
C ASP A 100 -20.90 -5.25 -6.19
N ASN A 101 -19.88 -4.64 -5.55
CA ASN A 101 -18.96 -5.24 -4.55
C ASN A 101 -18.15 -6.41 -5.14
N ALA A 102 -18.11 -6.57 -6.47
CA ALA A 102 -17.18 -7.50 -7.13
C ALA A 102 -15.79 -6.87 -7.19
N LEU A 103 -14.78 -7.70 -7.41
CA LEU A 103 -13.41 -7.20 -7.69
C LEU A 103 -13.36 -6.91 -9.18
N TRP A 104 -12.97 -5.70 -9.55
CA TRP A 104 -12.78 -5.31 -10.96
C TRP A 104 -11.28 -5.04 -11.18
N HIS A 105 -10.84 -5.11 -12.42
CA HIS A 105 -9.44 -4.76 -12.77
C HIS A 105 -9.39 -4.22 -14.19
N ILE A 106 -8.31 -3.51 -14.46
CA ILE A 106 -8.01 -2.86 -15.76
C ILE A 106 -6.48 -2.87 -15.86
N TRP A 107 -5.96 -3.15 -17.05
CA TRP A 107 -4.52 -3.37 -17.23
C TRP A 107 -4.04 -2.70 -18.51
N GLN A 108 -2.77 -2.30 -18.51
CA GLN A 108 -2.07 -1.91 -19.76
C GLN A 108 -2.03 -3.11 -20.71
N THR A 109 -2.34 -2.89 -21.97
CA THR A 109 -2.32 -3.98 -22.98
C THR A 109 -0.87 -4.28 -23.34
N ALA A 110 0.02 -3.31 -23.13
CA ALA A 110 1.48 -3.42 -23.33
C ALA A 110 2.16 -2.37 -22.45
N THR A 111 3.42 -2.63 -22.08
CA THR A 111 4.14 -1.93 -20.99
C THR A 111 4.06 -0.39 -21.09
N ASN A 112 4.17 0.18 -22.28
CA ASN A 112 4.09 1.66 -22.52
C ASN A 112 2.95 1.95 -23.50
N ALA A 113 1.84 1.23 -23.39
CA ALA A 113 0.66 1.39 -24.28
C ALA A 113 -0.54 1.75 -23.41
N GLY A 114 -1.74 1.54 -23.95
CA GLY A 114 -2.99 2.02 -23.34
C GLY A 114 -3.58 0.95 -22.46
N TRP A 115 -4.83 1.15 -22.08
CA TRP A 115 -5.49 0.34 -21.04
C TRP A 115 -6.58 -0.51 -21.67
N SER A 116 -6.81 -1.69 -21.10
CA SER A 116 -7.98 -2.55 -21.38
C SER A 116 -9.24 -1.80 -20.95
N ASN A 117 -10.41 -2.40 -21.17
CA ASN A 117 -11.64 -2.01 -20.44
C ASN A 117 -11.58 -2.61 -19.05
N TRP A 118 -12.35 -2.04 -18.11
CA TRP A 118 -12.61 -2.66 -16.80
C TRP A 118 -13.26 -4.03 -17.04
N GLN A 119 -12.78 -5.06 -16.35
CA GLN A 119 -13.39 -6.42 -16.40
CA GLN A 119 -13.33 -6.44 -16.39
C GLN A 119 -13.56 -6.92 -14.95
N SER A 120 -14.59 -7.73 -14.73
CA SER A 120 -14.96 -8.27 -13.41
C SER A 120 -14.23 -9.59 -13.14
N LEU A 121 -13.64 -9.72 -11.96
CA LEU A 121 -13.17 -11.02 -11.42
C LEU A 121 -14.22 -11.55 -10.44
N GLY A 122 -15.42 -10.97 -10.43
CA GLY A 122 -16.54 -11.45 -9.60
C GLY A 122 -16.22 -11.43 -8.13
N GLY A 123 -16.80 -12.36 -7.38
CA GLY A 123 -16.71 -12.33 -5.91
C GLY A 123 -17.55 -11.23 -5.29
N VAL A 124 -17.60 -11.24 -3.96
CA VAL A 124 -18.14 -10.13 -3.12
C VAL A 124 -17.07 -9.81 -2.09
N ILE A 125 -16.55 -8.60 -2.11
CA ILE A 125 -15.43 -8.17 -1.23
C ILE A 125 -15.85 -6.94 -0.42
N THR A 126 -15.21 -6.75 0.73
CA THR A 126 -15.57 -5.78 1.78
C THR A 126 -14.31 -5.07 2.28
N SER A 127 -13.22 -5.10 1.51
CA SER A 127 -11.98 -4.36 1.78
C SER A 127 -11.38 -3.87 0.46
N ASN A 128 -10.39 -3.00 0.56
CA ASN A 128 -9.48 -2.70 -0.56
C ASN A 128 -8.81 -4.00 -0.94
N PRO A 129 -8.49 -4.22 -2.23
CA PRO A 129 -7.69 -5.38 -2.62
C PRO A 129 -6.22 -5.17 -2.26
N ALA A 130 -5.51 -6.26 -1.97
CA ALA A 130 -4.05 -6.27 -1.74
C ALA A 130 -3.43 -7.27 -2.72
N ILE A 131 -2.37 -6.85 -3.40
CA ILE A 131 -1.83 -7.61 -4.56
C ILE A 131 -0.34 -7.86 -4.35
N TYR A 132 0.12 -9.04 -4.76
CA TYR A 132 1.57 -9.31 -4.88
C TYR A 132 1.79 -10.33 -6.00
N ALA A 133 2.95 -10.28 -6.65
CA ALA A 133 3.38 -11.31 -7.62
C ALA A 133 4.03 -12.46 -6.84
N ASN A 134 3.58 -13.68 -7.12
CA ASN A 134 4.28 -14.93 -6.75
C ASN A 134 5.62 -14.96 -7.50
N THR A 135 6.55 -15.80 -7.06
CA THR A 135 7.90 -15.97 -7.66
C THR A 135 7.77 -16.46 -9.11
N ASP A 136 6.62 -17.03 -9.49
CA ASP A 136 6.35 -17.56 -10.85
C ASP A 136 5.64 -16.52 -11.73
N GLY A 137 5.53 -15.27 -11.27
CA GLY A 137 5.00 -14.13 -12.03
C GLY A 137 3.47 -14.07 -12.00
N ARG A 138 2.80 -14.98 -11.28
CA ARG A 138 1.31 -14.98 -11.14
CA ARG A 138 1.32 -14.96 -11.16
C ARG A 138 0.92 -13.97 -10.06
N LEU A 139 0.19 -12.92 -10.42
CA LEU A 139 -0.39 -11.98 -9.43
C LEU A 139 -1.38 -12.77 -8.57
N GLU A 140 -1.43 -12.45 -7.29
CA GLU A 140 -2.43 -13.01 -6.36
C GLU A 140 -3.04 -11.83 -5.60
N VAL A 141 -4.37 -11.82 -5.54
CA VAL A 141 -5.16 -10.71 -4.94
C VAL A 141 -5.82 -11.23 -3.67
N PHE A 142 -5.74 -10.44 -2.61
CA PHE A 142 -6.31 -10.71 -1.28
C PHE A 142 -7.34 -9.62 -0.99
N ALA A 143 -8.49 -10.01 -0.49
CA ALA A 143 -9.58 -9.06 -0.15
C ALA A 143 -10.45 -9.71 0.91
N ARG A 144 -10.97 -8.90 1.83
CA ARG A 144 -11.95 -9.38 2.83
C ARG A 144 -13.25 -9.74 2.11
N GLY A 145 -13.96 -10.74 2.63
CA GLY A 145 -15.28 -11.17 2.11
C GLY A 145 -16.42 -10.69 2.99
N ALA A 146 -17.64 -11.05 2.60
CA ALA A 146 -18.89 -10.67 3.31
C ALA A 146 -18.88 -11.29 4.71
N ASP A 147 -18.19 -12.41 4.87
CA ASP A 147 -18.02 -13.16 6.15
C ASP A 147 -16.88 -12.57 6.97
N ASN A 148 -16.23 -11.52 6.46
CA ASN A 148 -15.07 -10.82 7.09
C ASN A 148 -13.84 -11.75 7.17
N ALA A 149 -13.85 -12.85 6.43
CA ALA A 149 -12.67 -13.71 6.20
C ALA A 149 -11.82 -13.11 5.09
N LEU A 150 -10.58 -13.59 4.97
CA LEU A 150 -9.66 -13.17 3.89
C LEU A 150 -9.81 -14.14 2.72
N TRP A 151 -10.10 -13.64 1.53
CA TRP A 151 -10.27 -14.47 0.32
C TRP A 151 -9.13 -14.14 -0.64
N HIS A 152 -8.88 -15.02 -1.61
CA HIS A 152 -7.82 -14.77 -2.59
C HIS A 152 -8.16 -15.40 -3.94
N ILE A 153 -7.53 -14.84 -4.97
CA ILE A 153 -7.71 -15.24 -6.39
C ILE A 153 -6.38 -14.91 -7.07
N SER A 154 -6.02 -15.67 -8.10
CA SER A 154 -4.69 -15.52 -8.77
C SER A 154 -4.78 -15.74 -10.27
N GLN A 155 -3.86 -15.09 -11.00
CA GLN A 155 -3.54 -15.43 -12.40
C GLN A 155 -3.14 -16.92 -12.45
N THR A 156 -3.58 -17.65 -13.47
CA THR A 156 -3.22 -19.08 -13.63
C THR A 156 -1.87 -19.24 -14.33
N THR A 157 -1.39 -18.21 -15.05
CA THR A 157 -0.04 -18.19 -15.67
C THR A 157 0.54 -16.79 -15.49
N ALA A 158 1.86 -16.66 -15.66
CA ALA A 158 2.58 -15.41 -15.38
C ALA A 158 1.93 -14.23 -16.12
N HIS A 159 1.61 -13.16 -15.39
CA HIS A 159 1.11 -11.85 -15.92
C HIS A 159 0.04 -12.10 -16.98
N SER A 160 -0.91 -13.00 -16.70
CA SER A 160 -1.94 -13.34 -17.70
C SER A 160 -3.15 -13.98 -17.04
N GLY A 161 -4.29 -13.85 -17.72
CA GLY A 161 -5.48 -14.66 -17.45
C GLY A 161 -5.34 -16.02 -18.11
N PRO A 162 -6.28 -16.95 -17.88
CA PRO A 162 -7.41 -16.70 -17.01
C PRO A 162 -7.01 -16.70 -15.53
N TRP A 163 -7.93 -16.27 -14.69
CA TRP A 163 -7.75 -16.26 -13.22
C TRP A 163 -8.36 -17.53 -12.62
N SER A 164 -7.85 -17.90 -11.46
CA SER A 164 -8.32 -19.06 -10.67
C SER A 164 -9.74 -18.77 -10.19
N SER A 165 -10.38 -19.74 -9.55
CA SER A 165 -11.58 -19.48 -8.72
CA SER A 165 -11.59 -19.45 -8.75
C SER A 165 -11.15 -18.77 -7.44
N TRP A 166 -12.07 -18.02 -6.83
CA TRP A 166 -11.91 -17.45 -5.48
C TRP A 166 -11.88 -18.61 -4.48
N ALA A 167 -11.16 -18.43 -3.38
CA ALA A 167 -11.15 -19.35 -2.23
C ALA A 167 -10.78 -18.54 -0.98
N SER A 168 -11.03 -19.11 0.21
CA SER A 168 -10.89 -18.40 1.49
C SER A 168 -9.68 -18.91 2.26
N LEU A 169 -9.00 -17.99 2.95
CA LEU A 169 -7.95 -18.29 3.94
C LEU A 169 -8.51 -18.04 5.33
N ASN A 170 -9.84 -17.92 5.44
CA ASN A 170 -10.54 -17.84 6.75
C ASN A 170 -10.03 -16.62 7.53
N GLY A 171 -10.01 -16.74 8.86
CA GLY A 171 -9.81 -15.60 9.75
C GLY A 171 -11.03 -14.68 9.81
N VAL A 172 -10.94 -13.67 10.65
CA VAL A 172 -11.93 -12.58 10.80
C VAL A 172 -11.15 -11.29 10.97
N ILE A 173 -11.25 -10.37 10.02
CA ILE A 173 -10.36 -9.17 10.01
C ILE A 173 -11.20 -7.89 9.96
N THR A 174 -10.62 -6.84 10.53
CA THR A 174 -11.27 -5.54 10.85
C THR A 174 -10.41 -4.39 10.31
N SER A 175 -9.45 -4.70 9.43
CA SER A 175 -8.67 -3.70 8.66
C SER A 175 -8.59 -4.15 7.21
N ASN A 176 -8.20 -3.26 6.30
CA ASN A 176 -7.73 -3.70 4.96
C ASN A 176 -6.54 -4.65 5.17
N PRO A 177 -6.45 -5.75 4.38
CA PRO A 177 -5.27 -6.61 4.42
C PRO A 177 -4.10 -6.00 3.65
N THR A 178 -2.89 -6.38 4.04
CA THR A 178 -1.60 -6.00 3.41
CA THR A 178 -1.64 -6.02 3.33
C THR A 178 -0.81 -7.28 3.11
N VAL A 179 -0.30 -7.42 1.91
CA VAL A 179 0.50 -8.61 1.51
C VAL A 179 1.92 -8.14 1.17
N HIS A 180 2.90 -8.96 1.52
CA HIS A 180 4.29 -8.78 1.04
C HIS A 180 4.91 -10.16 0.85
N ILE A 181 5.85 -10.26 -0.07
CA ILE A 181 6.60 -11.52 -0.27
C ILE A 181 7.79 -11.51 0.70
N ASN A 182 8.05 -12.66 1.27
CA ASN A 182 9.26 -12.92 2.08
C ASN A 182 10.47 -13.00 1.15
N SER A 183 11.66 -12.90 1.72
CA SER A 183 12.95 -12.97 0.98
C SER A 183 13.20 -14.39 0.44
N ASP A 184 12.39 -15.38 0.79
CA ASP A 184 12.42 -16.76 0.24
C ASP A 184 11.22 -17.03 -0.68
N GLY A 185 10.49 -16.00 -1.07
CA GLY A 185 9.45 -16.10 -2.11
C GLY A 185 8.08 -16.48 -1.55
N ARG A 186 7.91 -16.59 -0.23
CA ARG A 186 6.59 -16.96 0.36
C ARG A 186 5.75 -15.70 0.63
N LEU A 187 4.55 -15.64 0.06
CA LEU A 187 3.62 -14.52 0.32
C LEU A 187 3.20 -14.58 1.78
N GLU A 188 2.99 -13.42 2.37
CA GLU A 188 2.53 -13.31 3.77
C GLU A 188 1.55 -12.13 3.84
N VAL A 189 0.42 -12.35 4.52
CA VAL A 189 -0.66 -11.35 4.62
C VAL A 189 -0.83 -10.96 6.09
N PHE A 190 -1.05 -9.67 6.30
CA PHE A 190 -1.22 -9.02 7.64
C PHE A 190 -2.58 -8.31 7.66
N ALA A 191 -3.28 -8.39 8.78
CA ALA A 191 -4.57 -7.71 8.98
C ALA A 191 -4.87 -7.61 10.48
N ARG A 192 -5.65 -6.61 10.86
CA ARG A 192 -6.15 -6.49 12.24
C ARG A 192 -7.27 -7.51 12.45
N GLY A 193 -7.32 -8.15 13.61
CA GLY A 193 -8.38 -9.10 13.98
C GLY A 193 -9.47 -8.44 14.81
N THR A 194 -10.45 -9.22 15.25
CA THR A 194 -11.63 -8.73 16.02
C THR A 194 -11.17 -8.27 17.41
N ASP A 195 -10.01 -8.74 17.89
CA ASP A 195 -9.41 -8.39 19.20
C ASP A 195 -8.46 -7.18 19.05
N ASN A 196 -8.39 -6.61 17.84
CA ASN A 196 -7.59 -5.41 17.49
C ASN A 196 -6.08 -5.72 17.52
N ALA A 197 -5.71 -6.99 17.63
CA ALA A 197 -4.30 -7.43 17.52
C ALA A 197 -3.91 -7.50 16.03
N LEU A 198 -2.61 -7.53 15.75
CA LEU A 198 -2.10 -7.78 14.38
C LEU A 198 -2.03 -9.30 14.20
N TRP A 199 -2.66 -9.82 13.14
CA TRP A 199 -2.65 -11.25 12.75
C TRP A 199 -1.93 -11.38 11.41
N HIS A 200 -1.34 -12.54 11.17
CA HIS A 200 -0.70 -12.85 9.86
C HIS A 200 -0.86 -14.33 9.52
N ILE A 201 -0.68 -14.61 8.23
CA ILE A 201 -0.83 -15.96 7.62
C ILE A 201 0.13 -15.98 6.44
N TRP A 202 0.77 -17.10 6.16
CA TRP A 202 1.83 -17.15 5.11
C TRP A 202 1.70 -18.44 4.29
N GLN A 203 2.11 -18.34 3.03
CA GLN A 203 2.47 -19.51 2.20
C GLN A 203 3.52 -20.33 2.93
N THR A 204 3.42 -21.65 2.86
CA THR A 204 4.47 -22.56 3.39
C THR A 204 5.43 -22.91 2.25
N ALA A 205 5.08 -22.62 1.00
CA ALA A 205 6.00 -22.77 -0.14
C ALA A 205 5.66 -21.69 -1.17
N PRO A 206 6.65 -21.11 -1.88
CA PRO A 206 6.36 -20.15 -2.94
C PRO A 206 5.37 -20.72 -3.96
N ASP A 207 4.57 -19.85 -4.56
CA ASP A 207 3.70 -20.15 -5.73
C ASP A 207 2.55 -21.09 -5.35
N SER A 208 2.36 -21.42 -4.08
CA SER A 208 1.51 -22.56 -3.67
C SER A 208 0.15 -22.07 -3.18
N ASN A 209 -0.76 -23.02 -2.99
CA ASN A 209 -1.99 -22.83 -2.20
C ASN A 209 -1.85 -23.56 -0.86
N LEU A 210 -0.64 -23.70 -0.35
CA LEU A 210 -0.36 -24.29 0.99
C LEU A 210 -0.09 -23.15 1.95
N TRP A 211 -1.01 -22.89 2.87
CA TRP A 211 -0.89 -21.76 3.82
C TRP A 211 -0.83 -22.29 5.25
N SER A 212 -0.19 -21.52 6.10
CA SER A 212 -0.20 -21.68 7.57
C SER A 212 -1.61 -21.41 8.08
N SER A 213 -1.81 -21.62 9.39
CA SER A 213 -2.93 -21.04 10.16
C SER A 213 -2.66 -19.55 10.35
N TRP A 214 -3.73 -18.78 10.58
CA TRP A 214 -3.61 -17.41 11.13
C TRP A 214 -2.91 -17.50 12.49
N GLU A 215 -1.94 -16.62 12.74
CA GLU A 215 -1.20 -16.52 14.04
CA GLU A 215 -1.28 -16.53 14.07
C GLU A 215 -1.27 -15.06 14.50
N SER A 216 -1.34 -14.83 15.81
CA SER A 216 -1.40 -13.46 16.36
C SER A 216 0.01 -12.93 16.61
N LEU A 217 0.24 -11.67 16.28
CA LEU A 217 1.45 -10.91 16.71
C LEU A 217 1.05 -9.95 17.84
N ASN A 218 -0.14 -10.14 18.42
CA ASN A 218 -0.58 -9.38 19.62
C ASN A 218 -0.60 -7.88 19.30
N GLY A 219 -0.41 -7.03 20.32
CA GLY A 219 -0.53 -5.57 20.20
C GLY A 219 -1.97 -5.14 20.04
N ILE A 220 -2.17 -3.83 19.94
CA ILE A 220 -3.48 -3.16 19.65
C ILE A 220 -3.18 -2.15 18.56
N ILE A 221 -3.83 -2.25 17.41
CA ILE A 221 -3.55 -1.31 16.29
C ILE A 221 -4.84 -0.61 15.88
N THR A 222 -4.68 0.66 15.52
CA THR A 222 -5.77 1.61 15.23
C THR A 222 -5.57 2.18 13.83
N SER A 223 -4.76 1.49 13.00
CA SER A 223 -4.64 1.77 11.56
C SER A 223 -4.50 0.46 10.79
N ASP A 224 -4.68 0.55 9.49
CA ASP A 224 -4.16 -0.50 8.57
C ASP A 224 -2.69 -0.71 8.90
N PRO A 225 -2.22 -1.98 8.78
CA PRO A 225 -0.79 -2.27 8.84
C PRO A 225 -0.10 -1.92 7.52
N VAL A 226 1.15 -1.49 7.62
CA VAL A 226 2.08 -1.22 6.49
C VAL A 226 3.20 -2.24 6.61
N VAL A 227 3.56 -2.93 5.52
CA VAL A 227 4.56 -4.02 5.56
CA VAL A 227 4.60 -3.99 5.59
C VAL A 227 5.68 -3.69 4.57
N ILE A 228 6.93 -3.79 4.99
CA ILE A 228 8.13 -3.61 4.11
C ILE A 228 9.04 -4.82 4.33
N ASP A 229 9.87 -5.16 3.33
CA ASP A 229 10.99 -6.12 3.50
C ASP A 229 12.25 -5.27 3.68
N THR A 230 13.00 -5.47 4.76
CA THR A 230 14.24 -4.69 5.03
C THR A 230 15.32 -5.09 4.02
N ALA A 231 16.43 -4.34 3.97
CA ALA A 231 17.60 -4.69 3.13
C ALA A 231 18.11 -6.08 3.49
N ASP A 232 17.89 -6.54 4.73
CA ASP A 232 18.43 -7.84 5.21
C ASP A 232 17.34 -8.93 5.22
N GLY A 233 16.30 -8.74 4.41
CA GLY A 233 15.34 -9.80 4.07
C GLY A 233 14.33 -10.09 5.17
N ARG A 234 14.09 -9.14 6.08
CA ARG A 234 13.14 -9.34 7.22
C ARG A 234 11.86 -8.54 6.95
N LEU A 235 10.70 -9.14 7.13
CA LEU A 235 9.42 -8.42 7.07
C LEU A 235 9.33 -7.56 8.33
N GLU A 236 8.83 -6.33 8.17
CA GLU A 236 8.64 -5.36 9.26
C GLU A 236 7.30 -4.67 9.05
N VAL A 237 6.51 -4.61 10.12
CA VAL A 237 5.12 -4.10 10.06
C VAL A 237 5.04 -2.85 10.93
N PHE A 238 4.40 -1.81 10.40
CA PHE A 238 4.16 -0.51 11.07
C PHE A 238 2.64 -0.33 11.20
N ALA A 239 2.19 0.22 12.34
CA ALA A 239 0.77 0.56 12.52
C ALA A 239 0.65 1.54 13.68
N ARG A 240 -0.40 2.34 13.66
CA ARG A 240 -0.75 3.23 14.78
C ARG A 240 -1.23 2.35 15.93
N GLY A 241 -0.83 2.70 17.16
CA GLY A 241 -1.25 1.99 18.39
C GLY A 241 -2.43 2.67 19.06
N ALA A 242 -2.92 2.08 20.15
CA ALA A 242 -4.04 2.61 20.95
C ALA A 242 -3.68 3.96 21.59
N ASP A 243 -2.39 4.26 21.73
CA ASP A 243 -1.88 5.58 22.23
C ASP A 243 -1.63 6.58 21.08
N ASN A 244 -2.02 6.22 19.84
CA ASN A 244 -1.81 7.05 18.62
C ASN A 244 -0.32 7.30 18.33
N ALA A 245 0.58 6.53 18.95
CA ALA A 245 2.01 6.49 18.54
C ALA A 245 2.11 5.55 17.33
N LEU A 246 3.23 5.65 16.60
CA LEU A 246 3.63 4.69 15.54
C LEU A 246 4.36 3.52 16.20
N TRP A 247 3.87 2.30 16.03
CA TRP A 247 4.52 1.06 16.52
C TRP A 247 5.05 0.24 15.34
N HIS A 248 6.04 -0.59 15.59
CA HIS A 248 6.59 -1.54 14.58
C HIS A 248 7.05 -2.81 15.26
N ILE A 249 7.15 -3.86 14.45
CA ILE A 249 7.47 -5.25 14.87
C ILE A 249 8.08 -5.91 13.63
N TRP A 250 9.06 -6.80 13.80
CA TRP A 250 9.81 -7.35 12.65
C TRP A 250 10.13 -8.84 12.87
N GLN A 251 10.26 -9.60 11.78
CA GLN A 251 10.97 -10.90 11.78
C GLN A 251 12.39 -10.65 12.30
N THR A 252 12.88 -11.48 13.22
CA THR A 252 14.23 -11.34 13.82
C THR A 252 15.27 -12.05 12.94
N ILE A 253 14.81 -12.95 12.07
CA ILE A 253 15.60 -13.81 11.15
C ILE A 253 14.98 -13.64 9.76
N SER A 254 15.83 -13.52 8.73
CA SER A 254 15.38 -13.37 7.33
CA SER A 254 15.40 -13.39 7.31
C SER A 254 14.30 -14.42 7.01
N HIS A 255 13.16 -13.98 6.47
CA HIS A 255 12.01 -14.83 6.05
C HIS A 255 11.66 -15.86 7.13
N SER A 256 11.73 -15.47 8.40
CA SER A 256 11.51 -16.45 9.49
C SER A 256 11.05 -15.76 10.78
N GLY A 257 10.47 -16.55 11.68
CA GLY A 257 10.28 -16.16 13.08
C GLY A 257 11.57 -16.43 13.86
N PRO A 258 11.59 -16.14 15.18
CA PRO A 258 10.45 -15.50 15.85
C PRO A 258 10.40 -14.02 15.49
N TRP A 259 9.25 -13.40 15.72
CA TRP A 259 9.09 -11.93 15.60
C TRP A 259 9.58 -11.27 16.88
N SER A 260 9.99 -10.01 16.75
CA SER A 260 10.43 -9.13 17.86
C SER A 260 9.21 -8.85 18.74
N GLY A 261 9.41 -8.22 19.88
CA GLY A 261 8.30 -7.55 20.55
C GLY A 261 7.89 -6.32 19.76
N TRP A 262 6.68 -5.82 19.99
CA TRP A 262 6.28 -4.46 19.53
C TRP A 262 7.21 -3.42 20.14
N GLN A 263 7.61 -2.43 19.36
CA GLN A 263 8.44 -1.28 19.81
C GLN A 263 7.80 0.01 19.32
N SER A 264 7.70 1.03 20.18
CA SER A 264 7.16 2.35 19.81
C SER A 264 8.22 3.20 19.12
N LEU A 265 7.83 3.90 18.05
CA LEU A 265 8.63 4.97 17.41
C LEU A 265 8.05 6.32 17.82
N ASN A 266 7.15 6.30 18.83
CA ASN A 266 6.60 7.53 19.47
C ASN A 266 5.78 8.30 18.43
N GLY A 267 5.69 9.63 18.59
CA GLY A 267 4.81 10.50 17.81
C GLY A 267 3.37 10.40 18.26
N VAL A 268 2.54 11.33 17.79
CA VAL A 268 1.05 11.28 17.93
C VAL A 268 0.51 11.53 16.53
N ILE A 269 -0.11 10.51 15.92
CA ILE A 269 -0.43 10.57 14.47
C ILE A 269 -1.94 10.45 14.29
N THR A 270 -2.45 11.22 13.35
CA THR A 270 -3.89 11.39 13.05
C THR A 270 -4.21 10.81 11.67
N SER A 271 -3.31 9.97 11.13
CA SER A 271 -3.57 9.19 9.91
C SER A 271 -2.84 7.86 9.98
N ALA A 272 -3.14 6.98 9.03
CA ALA A 272 -2.33 5.80 8.71
C ALA A 272 -0.91 6.28 8.45
N PRO A 273 0.11 5.46 8.76
CA PRO A 273 1.49 5.76 8.37
C PRO A 273 1.76 5.28 6.95
N ALA A 274 2.74 5.89 6.28
CA ALA A 274 3.38 5.37 5.05
C ALA A 274 4.86 5.16 5.33
N VAL A 275 5.43 4.11 4.76
CA VAL A 275 6.88 3.80 4.94
C VAL A 275 7.49 3.53 3.58
N ALA A 276 8.70 4.05 3.36
CA ALA A 276 9.49 3.79 2.15
C ALA A 276 10.96 3.68 2.56
N LYS A 277 11.78 3.20 1.62
CA LYS A 277 13.24 3.03 1.78
C LYS A 277 13.93 4.14 1.02
N ASN A 278 14.80 4.87 1.71
CA ASN A 278 15.83 5.74 1.12
C ASN A 278 16.69 4.88 0.20
N CYS A 279 17.45 5.49 -0.70
CA CYS A 279 18.24 4.67 -1.68
C CYS A 279 19.39 3.96 -0.95
N ASP A 280 19.74 4.34 0.29
CA ASP A 280 20.72 3.59 1.13
C ASP A 280 20.00 2.61 2.06
N ASN A 281 18.71 2.37 1.82
CA ASN A 281 17.85 1.35 2.49
C ASN A 281 17.42 1.80 3.90
N ARG A 282 17.79 2.99 4.36
CA ARG A 282 17.23 3.59 5.61
C ARG A 282 15.71 3.72 5.46
N LEU A 283 14.98 3.11 6.38
CA LEU A 283 13.50 3.20 6.41
C LEU A 283 13.08 4.60 6.88
N GLU A 284 12.01 5.11 6.31
CA GLU A 284 11.44 6.42 6.69
C GLU A 284 9.92 6.27 6.76
N ALA A 285 9.33 6.69 7.87
CA ALA A 285 7.88 6.66 8.12
C ALA A 285 7.32 8.08 8.07
N PHE A 286 6.15 8.21 7.49
CA PHE A 286 5.39 9.47 7.29
C PHE A 286 4.00 9.28 7.88
N ALA A 287 3.45 10.31 8.50
CA ALA A 287 2.06 10.30 9.00
C ALA A 287 1.62 11.74 9.23
N ARG A 288 0.32 12.00 9.19
CA ARG A 288 -0.25 13.32 9.57
C ARG A 288 -0.12 13.49 11.09
N GLY A 289 0.18 14.71 11.53
CA GLY A 289 0.32 15.06 12.96
C GLY A 289 -0.95 15.68 13.52
N THR A 290 -0.97 15.95 14.82
CA THR A 290 -2.14 16.57 15.53
C THR A 290 -2.40 17.96 14.95
N ASP A 291 -1.38 18.65 14.44
CA ASP A 291 -1.48 19.98 13.77
C ASP A 291 -1.87 19.82 12.29
N ASN A 292 -2.21 18.60 11.84
CA ASN A 292 -2.60 18.26 10.44
C ASN A 292 -1.46 18.55 9.44
N ALA A 293 -0.23 18.73 9.88
CA ALA A 293 0.94 18.80 8.97
C ALA A 293 1.43 17.37 8.71
N LEU A 294 2.28 17.22 7.68
CA LEU A 294 3.01 15.95 7.43
C LEU A 294 4.18 15.88 8.40
N TRP A 295 4.30 14.77 9.13
CA TRP A 295 5.48 14.47 9.98
C TRP A 295 6.21 13.23 9.44
N HIS A 296 7.50 13.11 9.75
CA HIS A 296 8.32 11.92 9.38
C HIS A 296 9.38 11.64 10.44
N THR A 297 9.80 10.38 10.51
CA THR A 297 10.91 9.87 11.34
C THR A 297 11.67 8.88 10.45
N TRP A 298 13.00 8.84 10.56
CA TRP A 298 13.83 8.00 9.66
C TRP A 298 14.89 7.30 10.48
N GLN A 299 15.36 6.15 9.98
CA GLN A 299 16.62 5.54 10.46
C GLN A 299 17.76 6.49 10.13
N THR A 300 18.70 6.65 11.06
CA THR A 300 19.93 7.47 10.89
C THR A 300 21.09 6.51 10.60
N VAL A 301 22.08 6.99 9.84
CA VAL A 301 23.42 6.34 9.66
C VAL A 301 23.31 5.22 8.62
N SER A 302 22.46 4.22 8.87
CA SER A 302 22.31 3.03 7.99
C SER A 302 20.95 2.38 8.24
N HIS A 303 20.62 1.38 7.41
CA HIS A 303 19.39 0.57 7.53
C HIS A 303 19.39 -0.21 8.85
N SER A 304 20.50 -0.22 9.60
CA SER A 304 20.52 -0.86 10.95
C SER A 304 20.47 0.21 12.06
N GLY A 305 20.32 1.49 11.68
CA GLY A 305 20.55 2.63 12.59
C GLY A 305 19.34 2.95 13.47
N PRO A 306 19.53 3.80 14.51
CA PRO A 306 18.42 4.22 15.36
C PRO A 306 17.54 5.26 14.64
N TRP A 307 16.29 5.38 15.08
CA TRP A 307 15.29 6.28 14.45
C TRP A 307 15.43 7.71 14.98
N SER A 308 15.29 8.68 14.08
CA SER A 308 15.32 10.14 14.36
C SER A 308 14.12 10.51 15.23
N SER A 309 14.15 11.72 15.80
CA SER A 309 12.94 12.37 16.38
C SER A 309 11.98 12.67 15.22
N TRP A 310 10.69 12.78 15.51
CA TRP A 310 9.69 13.19 14.50
C TRP A 310 9.94 14.66 14.15
N GLN A 311 9.94 14.99 12.86
CA GLN A 311 10.18 16.38 12.36
C GLN A 311 9.11 16.69 11.33
N SER A 312 8.78 17.97 11.14
CA SER A 312 7.62 18.42 10.33
C SER A 312 8.08 18.72 8.91
N LEU A 313 7.24 18.37 7.93
CA LEU A 313 7.40 18.77 6.51
C LEU A 313 6.28 19.74 6.14
N ASN A 314 5.58 20.25 7.16
CA ASN A 314 4.56 21.34 6.99
C ASN A 314 3.38 20.78 6.19
N GLY A 315 2.69 21.65 5.46
CA GLY A 315 1.44 21.34 4.76
C GLY A 315 0.26 21.28 5.71
N VAL A 316 -0.94 21.28 5.15
CA VAL A 316 -2.22 20.99 5.84
C VAL A 316 -2.89 19.92 4.99
N ILE A 317 -2.97 18.69 5.53
CA ILE A 317 -3.37 17.51 4.71
C ILE A 317 -4.63 16.88 5.30
N THR A 318 -5.44 16.29 4.42
CA THR A 318 -6.77 15.72 4.69
C THR A 318 -6.77 14.26 4.28
N SER A 319 -5.59 13.63 4.26
CA SER A 319 -5.38 12.18 4.01
C SER A 319 -4.10 11.73 4.72
N ALA A 320 -3.91 10.43 4.83
CA ALA A 320 -2.57 9.88 5.14
C ALA A 320 -1.66 10.26 3.97
N PRO A 321 -0.34 10.36 4.22
CA PRO A 321 0.62 10.56 3.13
C PRO A 321 0.87 9.25 2.37
N THR A 322 1.32 9.35 1.12
CA THR A 322 1.77 8.19 0.30
C THR A 322 3.21 8.46 -0.11
N ALA A 323 4.15 7.57 0.23
CA ALA A 323 5.60 7.76 0.03
C ALA A 323 6.11 6.78 -1.02
N VAL A 324 7.07 7.22 -1.84
CA VAL A 324 7.67 6.35 -2.88
C VAL A 324 9.06 6.92 -3.19
N ARG A 325 9.99 6.04 -3.56
CA ARG A 325 11.32 6.46 -4.03
C ARG A 325 11.28 6.56 -5.55
N ASP A 326 11.70 7.70 -6.07
CA ASP A 326 11.68 8.02 -7.51
C ASP A 326 12.98 7.52 -8.17
N ALA A 327 13.12 7.77 -9.47
CA ALA A 327 14.22 7.24 -10.31
C ALA A 327 15.54 7.98 -10.03
N ASP A 328 15.51 9.07 -9.26
CA ASP A 328 16.73 9.78 -8.78
C ASP A 328 17.10 9.30 -7.36
N GLY A 329 16.39 8.30 -6.82
CA GLY A 329 16.66 7.73 -5.49
C GLY A 329 16.20 8.66 -4.39
N ARG A 330 15.31 9.61 -4.70
CA ARG A 330 14.71 10.54 -3.71
C ARG A 330 13.30 10.11 -3.33
N LEU A 331 12.94 10.25 -2.06
CA LEU A 331 11.56 10.06 -1.59
C LEU A 331 10.70 11.24 -2.04
N GLU A 332 9.51 10.92 -2.53
CA GLU A 332 8.45 11.87 -2.89
C GLU A 332 7.22 11.48 -2.08
N VAL A 333 6.52 12.47 -1.52
CA VAL A 333 5.34 12.21 -0.67
C VAL A 333 4.15 13.01 -1.18
N PHE A 334 3.03 12.32 -1.36
CA PHE A 334 1.74 12.85 -1.84
C PHE A 334 0.76 12.86 -0.66
N ALA A 335 -0.08 13.88 -0.58
CA ALA A 335 -1.19 13.93 0.38
C ALA A 335 -2.29 14.86 -0.15
N ARG A 336 -3.54 14.57 0.20
CA ARG A 336 -4.65 15.47 -0.16
C ARG A 336 -4.53 16.74 0.68
N GLY A 337 -4.84 17.88 0.07
CA GLY A 337 -4.86 19.19 0.75
C GLY A 337 -6.26 19.57 1.20
N THR A 338 -6.40 20.73 1.83
CA THR A 338 -7.70 21.26 2.32
C THR A 338 -8.62 21.55 1.14
N ASP A 339 -8.05 21.82 -0.05
CA ASP A 339 -8.81 22.05 -1.30
C ASP A 339 -9.18 20.72 -1.98
N ASN A 340 -8.84 19.58 -1.38
CA ASN A 340 -9.03 18.21 -1.93
C ASN A 340 -8.19 17.97 -3.19
N ALA A 341 -7.21 18.84 -3.48
CA ALA A 341 -6.19 18.58 -4.52
C ALA A 341 -5.13 17.64 -3.95
N LEU A 342 -4.41 16.95 -4.82
CA LEU A 342 -3.23 16.16 -4.38
C LEU A 342 -2.02 17.10 -4.38
N TRP A 343 -1.34 17.20 -3.25
CA TRP A 343 -0.10 18.00 -3.11
C TRP A 343 1.09 17.06 -2.96
N LEU A 344 2.29 17.59 -3.21
CA LEU A 344 3.53 16.81 -3.40
C LEU A 344 4.73 17.59 -2.86
N THR A 345 5.55 16.92 -2.07
CA THR A 345 6.86 17.42 -1.58
C THR A 345 7.88 16.29 -1.73
N TRP A 346 9.16 16.62 -1.92
CA TRP A 346 10.22 15.61 -2.17
C TRP A 346 11.54 16.03 -1.52
N GLN A 347 12.42 15.06 -1.29
CA GLN A 347 13.78 15.28 -0.72
C GLN A 347 14.61 16.15 -1.70
N THR A 348 15.34 17.12 -1.15
CA THR A 348 16.40 17.90 -1.84
C THR A 348 17.73 17.57 -1.15
N ALA A 349 18.85 17.98 -1.74
CA ALA A 349 20.20 17.84 -1.13
C ALA A 349 20.14 18.35 0.32
N SER A 350 19.59 19.56 0.52
CA SER A 350 19.54 20.30 1.80
C SER A 350 18.50 19.67 2.74
N SER A 351 17.24 19.57 2.29
CA SER A 351 16.09 19.12 3.12
C SER A 351 14.95 18.62 2.21
N TRP A 352 13.80 19.32 2.20
CA TRP A 352 12.61 18.96 1.38
C TRP A 352 12.08 20.20 0.65
N SER A 353 11.45 19.98 -0.49
CA SER A 353 10.89 21.02 -1.39
C SER A 353 9.61 21.59 -0.79
N PRO A 354 9.20 22.81 -1.15
CA PRO A 354 7.90 23.33 -0.72
C PRO A 354 6.83 22.48 -1.42
N TRP A 355 5.68 22.29 -0.76
CA TRP A 355 4.51 21.59 -1.33
C TRP A 355 4.12 22.29 -2.63
N ILE A 356 3.89 21.52 -3.69
CA ILE A 356 3.25 21.98 -4.95
C ILE A 356 1.95 21.19 -5.13
N SER A 357 1.01 21.77 -5.85
CA SER A 357 -0.32 21.15 -6.14
C SER A 357 -0.25 20.44 -7.48
N LEU A 358 -0.73 19.19 -7.52
CA LEU A 358 -0.98 18.45 -8.78
C LEU A 358 -2.45 18.62 -9.16
N GLY A 359 -3.19 19.47 -8.45
CA GLY A 359 -4.62 19.67 -8.69
C GLY A 359 -5.43 18.40 -8.49
N GLY A 360 -6.54 18.31 -9.22
CA GLY A 360 -7.58 17.28 -9.06
C GLY A 360 -8.49 17.55 -7.87
N VAL A 361 -9.55 16.74 -7.77
CA VAL A 361 -10.45 16.68 -6.59
C VAL A 361 -10.64 15.20 -6.24
N LEU A 362 -9.99 14.75 -5.16
CA LEU A 362 -9.93 13.32 -4.76
C LEU A 362 -10.80 13.09 -3.52
N ILE A 363 -11.45 11.93 -3.48
CA ILE A 363 -12.27 11.44 -2.34
C ILE A 363 -11.54 10.25 -1.71
N ASP A 364 -11.81 9.99 -0.44
CA ASP A 364 -11.38 8.75 0.26
C ASP A 364 -12.44 7.69 -0.05
N ALA A 365 -12.13 6.78 -0.97
CA ALA A 365 -13.03 5.71 -1.43
C ALA A 365 -12.74 4.40 -0.67
N SER A 366 -11.89 4.43 0.37
CA SER A 366 -11.50 3.22 1.13
C SER A 366 -12.74 2.38 1.48
N ALA A 367 -12.71 1.07 1.24
CA ALA A 367 -13.81 0.13 1.55
C ALA A 367 -13.94 -0.07 3.07
N ILE A 368 -12.89 0.22 3.83
CA ILE A 368 -12.87 0.20 5.33
C ILE A 368 -12.39 1.56 5.81
N LYS A 369 -13.16 2.18 6.70
CA LYS A 369 -12.82 3.50 7.31
C LYS A 369 -12.96 3.38 8.83
O6 3MG B . -21.79 -2.74 -12.15
C6 3MG B . -20.90 -1.72 -11.66
C5 3MG B . -19.63 -1.79 -12.49
O5 3MG B . -20.00 -1.59 -13.86
C4 3MG B . -18.62 -0.73 -12.09
O4 3MG B . -18.26 -0.83 -10.73
C3 3MG B . -17.41 -0.88 -12.98
O3 3MG B . -16.39 0.01 -12.56
C7 3MG B . -15.20 -0.67 -12.20
C2 3MG B . -17.82 -0.63 -14.43
O2 3MG B . -16.69 -0.80 -15.28
C1 3MG B . -18.91 -1.66 -14.78
O1 3MG B . -19.42 -1.48 -16.09
O6 3MG C . -8.46 -11.34 -16.94
C6 3MG C . -7.62 -11.49 -18.07
C5 3MG C . -6.50 -10.44 -17.97
O5 3MG C . -5.99 -10.48 -16.67
C4 3MG C . -5.34 -10.72 -18.92
O4 3MG C . -5.86 -10.81 -20.24
C3 3MG C . -4.23 -9.66 -18.78
O3 3MG C . -3.21 -10.00 -19.74
C7 3MG C . -3.26 -9.32 -21.01
C2 3MG C . -3.74 -9.64 -17.31
O2 3MG C . -2.82 -8.56 -16.98
C1 3MG C . -4.94 -9.57 -16.37
O1 3MG C . -4.61 -9.96 -15.04
O6 3MG D . -8.80 -17.51 17.18
C6 3MG D . -8.78 -17.46 15.73
C5 3MG D . -9.30 -16.12 15.19
O5 3MG D . -9.38 -15.12 16.21
C4 3MG D . -8.44 -15.57 14.05
O4 3MG D . -8.26 -16.55 13.03
C3 3MG D . -9.11 -14.30 13.53
O3 3MG D . -8.59 -13.82 12.28
C7 3MG D . -7.22 -13.41 12.20
C2 3MG D . -9.12 -13.29 14.66
O2 3MG D . -9.67 -12.04 14.29
C1 3MG D . -9.96 -13.90 15.79
O1 3MG D . -10.02 -12.97 16.87
O6 3MG E . 1.78 -0.95 26.18
C6 3MG E . 2.06 -1.76 25.03
C5 3MG E . 0.94 -1.55 24.03
O5 3MG E . 0.60 -0.15 23.93
C4 3MG E . 1.34 -2.00 22.62
O4 3MG E . 1.79 -3.35 22.67
C3 3MG E . 0.11 -1.84 21.72
O3 3MG E . 0.27 -2.43 20.42
C7 3MG E . 1.18 -1.78 19.52
C2 3MG E . -0.21 -0.35 21.69
O2 3MG E . -1.32 -0.05 20.86
C1 3MG E . -0.54 0.10 23.12
O1 3MG E . -0.86 1.49 23.13
O6 3MG F . 5.45 -16.35 13.53
C6 3MG F . 6.34 -17.31 12.96
C5 3MG F . 6.21 -17.25 11.43
O5 3MG F . 6.36 -15.89 11.01
C4 3MG F . 7.23 -18.12 10.72
O4 3MG F . 7.04 -19.48 11.14
C3 3MG F . 7.12 -18.00 9.19
O3 3MG F . 8.15 -18.77 8.58
C7 3MG F . 7.86 -20.12 8.18
C2 3MG F . 7.21 -16.54 8.77
O2 3MG F . 6.96 -16.37 7.36
C1 3MG F . 6.22 -15.70 9.58
O1 3MG F . 6.50 -14.33 9.40
O6 3MG G . -4.83 25.62 0.23
C6 3MG G . -4.52 24.51 1.09
C5 3MG G . -3.08 24.09 0.87
O5 3MG G . -2.24 25.23 1.06
C4 3MG G . -2.65 22.98 1.83
O4 3MG G . -3.59 21.86 1.77
C3 3MG G . -1.22 22.63 1.44
O3 3MG G . -0.73 21.59 2.26
C7 3MG G . 0.00 20.61 1.50
C2 3MG G . -0.32 23.86 1.54
O2 3MG G . 1.01 23.59 1.08
C1 3MG G . -0.89 24.98 0.66
O1 3MG G . -0.12 26.18 0.77
O6 3MG H . 16.17 16.64 5.41
C6 3MG H . 15.93 16.07 6.71
C5 3MG H . 16.03 14.55 6.58
O5 3MG H . 15.07 14.13 5.62
C4 3MG H . 17.40 14.05 6.12
O4 3MG H . 18.42 14.53 7.00
C3 3MG H . 17.42 12.52 6.05
O3 3MG H . 18.64 12.00 5.50
C7 3MG H . 19.66 11.62 6.44
C2 3MG H . 16.28 12.04 5.16
O2 3MG H . 16.16 10.60 5.26
C1 3MG H . 14.94 12.72 5.54
O1 3MG H . 13.95 12.49 4.56
O6 3MG I . -15.41 16.38 -11.61
C6 3MG I . -14.60 15.30 -11.09
C5 3MG I . -13.16 15.37 -11.57
O5 3MG I . -12.88 16.51 -12.42
C4 3MG I . -12.14 15.41 -10.41
O4 3MG I . -12.56 14.51 -9.36
C3 3MG I . -10.77 15.14 -11.05
O3 3MG I . -9.68 14.97 -10.13
C7 3MG I . -8.95 13.81 -10.39
C2 3MG I . -10.47 16.30 -11.99
O2 3MG I . -9.21 16.09 -12.64
C1 3MG I . -11.59 16.46 -13.03
O1 3MG I . -11.38 17.65 -13.81
CL CL J . 14.32 3.59 -9.81
CL CL K . -14.58 -17.54 -8.84
CL CL L . 15.82 -1.33 7.86
CL CL M . -13.68 12.07 1.01
CL CL N . 9.29 -2.64 -12.84
NA NA O . 11.14 1.44 -11.73
NA NA P . 9.53 -2.96 0.77
NA NA Q . 8.90 -13.92 -11.59
#